data_1QFO
#
_entry.id   1QFO
#
_cell.length_a   40.930
_cell.length_b   97.590
_cell.length_c   101.770
_cell.angle_alpha   90.00
_cell.angle_beta   90.00
_cell.angle_gamma   90.00
#
_symmetry.space_group_name_H-M   'P 21 21 21'
#
loop_
_entity.id
_entity.type
_entity.pdbx_description
1 polymer 'PROTEIN (SIALOADHESIN)'
2 branched 'N-acetyl-alpha-neuraminic acid-(2-3)-beta-D-galactopyranose-(1-4)-alpha-D-glucopyranose'
3 non-polymer 'N-acetyl-alpha-neuraminic acid'
4 water water
#
_entity_poly.entity_id   1
_entity_poly.type   'polypeptide(L)'
_entity_poly.pdbx_seq_one_letter_code
;TWGVSSPKNVQGLSGSCLLIPCIFSYPADVPVSNGITAIWYYDYSGKRQVVIHSGDPKLVDKRFRGRAELMGNMDHKVCN
LLLKDLKPEDSGTYNFRFEISDSNRWLDVKGTTVTVTTD
;
_entity_poly.pdbx_strand_id   A,B,C
#
loop_
_chem_comp.id
_chem_comp.type
_chem_comp.name
_chem_comp.formula
GAL D-saccharide, beta linking beta-D-galactopyranose 'C6 H12 O6'
GLC D-saccharide, alpha linking alpha-D-glucopyranose 'C6 H12 O6'
SIA D-saccharide, alpha linking 'N-acetyl-alpha-neuraminic acid' 'C11 H19 N O9'
#
# COMPACT_ATOMS: atom_id res chain seq x y z
N THR A 1 0.07 7.34 32.98
CA THR A 1 1.25 8.24 33.08
C THR A 1 1.90 8.44 31.71
N TRP A 2 2.77 9.44 31.61
CA TRP A 2 3.46 9.76 30.35
C TRP A 2 4.69 8.89 30.16
N GLY A 3 4.93 8.41 28.94
CA GLY A 3 6.10 7.59 28.70
C GLY A 3 6.19 6.93 27.34
N VAL A 4 7.36 6.39 27.07
CA VAL A 4 7.64 5.68 25.83
C VAL A 4 8.42 4.43 26.23
N SER A 5 8.02 3.28 25.69
CA SER A 5 8.70 2.04 26.02
C SER A 5 9.30 1.41 24.77
N SER A 6 10.62 1.24 24.78
CA SER A 6 11.34 0.65 23.66
C SER A 6 12.68 0.11 24.16
N PRO A 7 13.29 -0.81 23.42
CA PRO A 7 14.59 -1.34 23.87
C PRO A 7 15.60 -0.20 23.95
N LYS A 8 16.55 -0.31 24.89
CA LYS A 8 17.56 0.72 25.10
C LYS A 8 18.57 0.77 23.94
N ASN A 9 18.97 -0.39 23.47
CA ASN A 9 19.92 -0.49 22.37
C ASN A 9 19.47 -1.61 21.43
N VAL A 10 19.80 -1.49 20.14
CA VAL A 10 19.46 -2.49 19.15
C VAL A 10 20.62 -2.57 18.16
N GLN A 11 20.88 -3.76 17.64
CA GLN A 11 21.98 -3.97 16.68
C GLN A 11 21.40 -4.21 15.29
N GLY A 12 22.08 -3.72 14.28
CA GLY A 12 21.62 -3.91 12.91
C GLY A 12 22.79 -4.18 11.99
N LEU A 13 22.51 -4.63 10.77
CA LEU A 13 23.56 -4.92 9.80
C LEU A 13 23.44 -4.04 8.56
N SER A 14 24.58 -3.59 8.05
CA SER A 14 24.62 -2.73 6.88
C SER A 14 23.81 -3.32 5.72
N GLY A 15 22.97 -2.48 5.12
CA GLY A 15 22.15 -2.91 4.00
C GLY A 15 20.85 -3.58 4.41
N SER A 16 20.74 -3.98 5.66
CA SER A 16 19.53 -4.64 6.14
C SER A 16 18.54 -3.64 6.69
N CYS A 17 17.52 -4.14 7.40
CA CYS A 17 16.51 -3.26 7.97
C CYS A 17 16.44 -3.49 9.46
N LEU A 18 15.77 -2.58 10.17
CA LEU A 18 15.65 -2.70 11.60
C LEU A 18 14.29 -2.15 12.01
N LEU A 19 13.58 -2.90 12.84
CA LEU A 19 12.26 -2.46 13.31
C LEU A 19 12.37 -2.25 14.81
N ILE A 20 12.27 -0.99 15.23
CA ILE A 20 12.36 -0.67 16.65
C ILE A 20 10.97 -0.69 17.28
N PRO A 21 10.70 -1.68 18.14
CA PRO A 21 9.40 -1.78 18.80
C PRO A 21 9.20 -0.58 19.70
N CYS A 22 8.00 -0.02 19.70
CA CYS A 22 7.73 1.17 20.49
C CYS A 22 6.27 1.28 20.90
N ILE A 23 6.04 1.55 22.18
CA ILE A 23 4.71 1.75 22.73
C ILE A 23 4.80 3.01 23.57
N PHE A 24 3.80 3.87 23.48
CA PHE A 24 3.82 5.09 24.27
C PHE A 24 2.55 5.20 25.08
N SER A 25 2.57 6.08 26.08
CA SER A 25 1.42 6.26 26.92
C SER A 25 1.30 7.68 27.42
N TYR A 26 0.07 8.05 27.76
CA TYR A 26 -0.24 9.37 28.30
C TYR A 26 -1.46 9.17 29.21
N PRO A 27 -1.69 10.10 30.15
CA PRO A 27 -2.82 9.98 31.07
C PRO A 27 -4.19 9.90 30.39
N ALA A 28 -5.11 9.21 31.05
CA ALA A 28 -6.46 9.05 30.52
C ALA A 28 -7.27 10.35 30.55
N ASP A 29 -6.80 11.35 31.30
CA ASP A 29 -7.52 12.62 31.38
C ASP A 29 -7.13 13.63 30.30
N VAL A 30 -6.17 13.26 29.46
CA VAL A 30 -5.72 14.14 28.39
C VAL A 30 -6.69 14.08 27.21
N PRO A 31 -7.20 15.24 26.78
CA PRO A 31 -8.12 15.27 25.64
C PRO A 31 -7.36 15.08 24.33
N VAL A 32 -7.88 14.24 23.46
CA VAL A 32 -7.25 13.97 22.16
C VAL A 32 -8.16 14.44 21.02
N GLY A 35 -6.15 14.00 16.82
CA GLY A 35 -5.01 13.45 16.13
C GLY A 35 -3.71 13.67 16.89
N ILE A 36 -2.82 12.68 16.83
CA ILE A 36 -1.54 12.78 17.52
C ILE A 36 -0.40 12.82 16.51
N THR A 37 0.47 13.80 16.66
CA THR A 37 1.62 13.96 15.77
C THR A 37 2.79 13.12 16.28
N ALA A 38 3.32 12.28 15.40
CA ALA A 38 4.46 11.44 15.75
C ALA A 38 5.72 11.97 15.09
N ILE A 39 6.79 12.06 15.86
CA ILE A 39 8.06 12.55 15.33
C ILE A 39 9.20 11.71 15.88
N TRP A 40 10.05 11.20 15.00
CA TRP A 40 11.22 10.45 15.43
C TRP A 40 12.44 11.30 15.05
N TYR A 41 13.31 11.52 16.03
CA TYR A 41 14.54 12.28 15.81
C TYR A 41 15.75 11.37 15.82
N TYR A 42 16.79 11.81 15.13
CA TYR A 42 18.06 11.11 15.12
C TYR A 42 19.01 12.08 15.81
N ASP A 43 19.77 11.59 16.79
CA ASP A 43 20.75 12.43 17.50
C ASP A 43 20.13 13.75 17.98
N TYR A 44 19.04 13.67 18.74
CA TYR A 44 18.35 14.86 19.21
C TYR A 44 19.25 15.92 19.87
N SER A 45 20.18 15.48 20.70
CA SER A 45 21.04 16.43 21.39
C SER A 45 22.13 17.00 20.49
N GLY A 46 22.30 16.41 19.31
CA GLY A 46 23.32 16.88 18.39
C GLY A 46 22.75 17.37 17.06
N LYS A 47 22.90 16.55 16.03
CA LYS A 47 22.42 16.88 14.69
C LYS A 47 20.92 17.11 14.65
N ARG A 48 20.19 16.42 15.53
CA ARG A 48 18.74 16.55 15.62
C ARG A 48 18.09 16.52 14.23
N GLN A 49 18.22 15.40 13.54
CA GLN A 49 17.64 15.24 12.22
C GLN A 49 16.29 14.54 12.37
N VAL A 50 15.32 14.96 11.56
CA VAL A 50 13.98 14.38 11.60
C VAL A 50 13.94 13.11 10.75
N VAL A 51 13.57 12.00 11.37
CA VAL A 51 13.50 10.71 10.68
C VAL A 51 12.09 10.46 10.16
N ILE A 52 11.12 10.76 11.02
CA ILE A 52 9.71 10.59 10.71
C ILE A 52 8.96 11.81 11.27
N HIS A 53 7.95 12.28 10.55
CA HIS A 53 7.12 13.39 11.00
C HIS A 53 5.76 13.22 10.34
N SER A 54 4.79 12.72 11.11
CA SER A 54 3.46 12.47 10.56
C SER A 54 2.67 13.75 10.30
N GLY A 55 3.12 14.85 10.90
CA GLY A 55 2.41 16.12 10.71
C GLY A 55 2.76 16.72 9.36
N ASP A 56 4.05 16.67 9.01
CA ASP A 56 4.53 17.21 7.74
C ASP A 56 5.77 16.47 7.28
N PRO A 57 5.58 15.45 6.42
CA PRO A 57 6.68 14.64 5.88
C PRO A 57 7.77 15.45 5.18
N LYS A 58 7.48 16.71 4.89
CA LYS A 58 8.43 17.58 4.22
C LYS A 58 9.56 17.96 5.18
N LEU A 59 9.32 17.78 6.48
CA LEU A 59 10.31 18.11 7.49
C LEU A 59 11.36 17.00 7.64
N VAL A 60 11.06 15.82 7.10
CA VAL A 60 11.99 14.71 7.16
C VAL A 60 13.31 15.05 6.46
N ASP A 61 14.42 14.76 7.14
CA ASP A 61 15.74 15.02 6.58
C ASP A 61 15.94 14.15 5.33
N LYS A 62 16.54 14.72 4.29
CA LYS A 62 16.77 14.00 3.05
C LYS A 62 17.47 12.67 3.27
N ARG A 63 18.31 12.60 4.31
CA ARG A 63 19.06 11.38 4.62
C ARG A 63 18.16 10.21 4.99
N PHE A 64 16.94 10.51 5.44
CA PHE A 64 16.02 9.46 5.85
C PHE A 64 14.79 9.28 4.96
N ARG A 65 14.51 10.27 4.12
CA ARG A 65 13.34 10.17 3.25
C ARG A 65 13.39 8.91 2.40
N GLY A 66 12.32 8.14 2.44
CA GLY A 66 12.24 6.90 1.68
C GLY A 66 12.91 5.72 2.35
N ARG A 67 13.57 5.96 3.48
CA ARG A 67 14.26 4.89 4.18
C ARG A 67 13.67 4.59 5.55
N ALA A 68 12.73 5.43 6.00
CA ALA A 68 12.13 5.23 7.30
C ALA A 68 10.63 5.34 7.20
N GLU A 69 9.93 4.55 8.01
CA GLU A 69 8.48 4.62 8.00
C GLU A 69 7.92 4.26 9.37
N LEU A 70 6.86 4.94 9.74
CA LEU A 70 6.20 4.71 11.02
C LEU A 70 5.30 3.49 10.83
N MET A 71 5.68 2.36 11.42
CA MET A 71 4.92 1.13 11.30
C MET A 71 3.88 0.96 12.41
N GLY A 72 3.74 1.98 13.25
CA GLY A 72 2.79 1.88 14.33
C GLY A 72 1.49 2.62 14.10
N ASN A 73 0.47 2.26 14.87
CA ASN A 73 -0.84 2.89 14.78
C ASN A 73 -0.96 3.77 16.03
N MET A 74 -0.86 5.09 15.84
CA MET A 74 -0.95 6.04 16.95
C MET A 74 -2.23 5.90 17.79
N ASP A 75 -3.32 5.54 17.13
CA ASP A 75 -4.61 5.37 17.80
C ASP A 75 -4.53 4.19 18.78
N HIS A 76 -3.60 3.28 18.52
CA HIS A 76 -3.41 2.12 19.40
C HIS A 76 -2.17 2.28 20.27
N LYS A 77 -1.61 3.49 20.27
CA LYS A 77 -0.43 3.82 21.06
C LYS A 77 0.82 3.01 20.72
N VAL A 78 0.98 2.71 19.44
CA VAL A 78 2.12 1.96 18.93
C VAL A 78 2.95 2.93 18.09
N CYS A 79 4.25 3.01 18.35
CA CYS A 79 5.12 3.93 17.62
C CYS A 79 6.28 3.27 16.88
N ASN A 80 6.15 1.98 16.59
CA ASN A 80 7.19 1.22 15.89
C ASN A 80 7.83 1.98 14.74
N LEU A 81 9.15 1.96 14.70
CA LEU A 81 9.90 2.64 13.65
C LEU A 81 10.64 1.63 12.78
N LEU A 82 10.47 1.72 11.47
CA LEU A 82 11.17 0.82 10.56
C LEU A 82 12.26 1.60 9.83
N LEU A 83 13.50 1.14 9.96
CA LEU A 83 14.63 1.77 9.29
C LEU A 83 15.08 0.81 8.21
N LYS A 84 15.15 1.30 6.97
CA LYS A 84 15.53 0.47 5.84
C LYS A 84 16.89 0.85 5.24
N ASP A 85 17.52 -0.11 4.57
CA ASP A 85 18.81 0.10 3.92
C ASP A 85 19.83 0.76 4.86
N LEU A 86 20.07 0.11 5.98
CA LEU A 86 20.98 0.62 7.01
C LEU A 86 22.39 0.89 6.55
N LYS A 87 22.95 1.97 7.09
CA LYS A 87 24.32 2.39 6.79
C LYS A 87 25.01 2.57 8.13
N PRO A 88 26.35 2.40 8.17
CA PRO A 88 27.06 2.57 9.43
C PRO A 88 26.79 3.95 10.03
N GLU A 89 26.56 4.94 9.17
CA GLU A 89 26.28 6.31 9.60
C GLU A 89 24.92 6.45 10.26
N ASP A 90 24.08 5.42 10.18
CA ASP A 90 22.77 5.47 10.82
C ASP A 90 22.91 5.13 12.31
N SER A 91 24.10 4.73 12.73
CA SER A 91 24.34 4.41 14.13
C SER A 91 24.15 5.67 14.95
N GLY A 92 23.57 5.52 16.13
CA GLY A 92 23.34 6.68 16.97
C GLY A 92 22.05 6.50 17.73
N THR A 93 21.57 7.56 18.36
CA THR A 93 20.37 7.48 19.17
C THR A 93 19.14 8.07 18.51
N TYR A 94 18.04 7.33 18.58
CA TYR A 94 16.77 7.77 18.00
C TYR A 94 15.82 8.02 19.15
N ASN A 95 15.12 9.15 19.12
CA ASN A 95 14.18 9.51 20.18
C ASN A 95 12.81 9.81 19.60
N PHE A 96 11.78 9.29 20.25
CA PHE A 96 10.42 9.51 19.80
C PHE A 96 9.79 10.67 20.54
N ARG A 97 8.97 11.43 19.81
CA ARG A 97 8.27 12.56 20.40
C ARG A 97 6.85 12.52 19.85
N PHE A 98 5.87 12.70 20.73
CA PHE A 98 4.49 12.75 20.26
C PHE A 98 3.83 13.99 20.82
N GLU A 99 3.01 14.62 19.99
CA GLU A 99 2.33 15.85 20.38
C GLU A 99 0.83 15.71 20.22
N ILE A 100 0.11 15.99 21.30
CA ILE A 100 -1.34 15.91 21.29
C ILE A 100 -1.91 17.31 21.17
N SER A 101 -1.59 18.17 22.13
CA SER A 101 -2.07 19.54 22.14
C SER A 101 -1.53 20.30 23.34
N SER A 103 0.73 21.83 24.98
CA SER A 103 1.03 21.54 26.38
C SER A 103 1.18 20.05 26.60
N ASN A 104 0.27 19.28 26.01
CA ASN A 104 0.31 17.83 26.13
C ASN A 104 1.16 17.24 25.02
N ARG A 105 2.47 17.30 25.22
CA ARG A 105 3.43 16.78 24.26
C ARG A 105 4.52 16.11 25.07
N TRP A 106 5.24 15.18 24.47
CA TRP A 106 6.25 14.47 25.22
C TRP A 106 7.41 14.01 24.36
N LEU A 107 8.60 14.20 24.90
CA LEU A 107 9.82 13.78 24.22
C LEU A 107 10.48 12.76 25.11
N ASP A 108 10.75 11.58 24.56
CA ASP A 108 11.42 10.54 25.33
C ASP A 108 12.90 10.89 25.29
N VAL A 109 13.46 11.24 26.44
CA VAL A 109 14.86 11.60 26.51
C VAL A 109 15.78 10.38 26.48
N LYS A 110 15.24 9.22 26.85
CA LYS A 110 16.04 8.00 26.85
C LYS A 110 16.39 7.62 25.41
N GLY A 111 15.39 7.24 24.64
CA GLY A 111 15.61 6.88 23.25
C GLY A 111 16.20 5.50 23.08
N THR A 112 16.56 5.17 21.84
CA THR A 112 17.13 3.87 21.52
C THR A 112 18.39 4.10 20.71
N THR A 113 19.48 3.49 21.14
CA THR A 113 20.74 3.65 20.42
C THR A 113 20.92 2.49 19.47
N VAL A 114 21.19 2.80 18.20
CA VAL A 114 21.37 1.79 17.17
C VAL A 114 22.84 1.65 16.81
N THR A 115 23.28 0.40 16.63
CA THR A 115 24.66 0.12 16.25
C THR A 115 24.56 -0.70 14.97
N VAL A 116 25.15 -0.17 13.89
CA VAL A 116 25.13 -0.84 12.60
C VAL A 116 26.54 -1.25 12.20
N THR A 117 26.76 -2.56 12.04
CA THR A 117 28.06 -3.08 11.64
C THR A 117 27.93 -3.87 10.34
N THR A 118 29.07 -4.23 9.76
CA THR A 118 29.08 -5.00 8.52
C THR A 118 28.97 -6.48 8.86
N THR B 1 -5.22 18.46 -4.20
CA THR B 1 -6.58 18.49 -3.61
C THR B 1 -7.52 17.49 -4.27
N TRP B 2 -8.76 17.92 -4.52
CA TRP B 2 -9.78 17.07 -5.12
C TRP B 2 -9.64 16.78 -6.61
N GLY B 3 -9.85 15.52 -6.98
CA GLY B 3 -9.75 15.18 -8.38
C GLY B 3 -9.68 13.71 -8.70
N VAL B 4 -9.95 13.41 -9.96
CA VAL B 4 -9.88 12.06 -10.47
C VAL B 4 -9.18 12.18 -11.80
N SER B 5 -8.33 11.21 -12.11
CA SER B 5 -7.64 11.22 -13.39
C SER B 5 -7.70 9.86 -14.07
N SER B 6 -8.42 9.80 -15.18
CA SER B 6 -8.50 8.57 -15.98
C SER B 6 -8.35 9.09 -17.40
N PRO B 7 -7.89 8.23 -18.33
CA PRO B 7 -7.70 8.61 -19.74
C PRO B 7 -8.94 9.13 -20.43
N LYS B 8 -8.73 9.99 -21.42
CA LYS B 8 -9.85 10.52 -22.19
C LYS B 8 -10.43 9.40 -23.02
N ASN B 9 -9.56 8.56 -23.56
CA ASN B 9 -9.99 7.43 -24.40
C ASN B 9 -9.22 6.14 -24.16
N VAL B 10 -9.95 5.03 -24.30
CA VAL B 10 -9.36 3.71 -24.17
C VAL B 10 -10.07 2.86 -25.23
N GLN B 11 -9.34 1.93 -25.83
CA GLN B 11 -9.90 1.06 -26.85
C GLN B 11 -9.67 -0.39 -26.47
N GLY B 12 -10.63 -1.24 -26.82
CA GLY B 12 -10.52 -2.65 -26.49
C GLY B 12 -11.17 -3.51 -27.55
N LEU B 13 -10.75 -4.77 -27.63
CA LEU B 13 -11.31 -5.68 -28.60
C LEU B 13 -12.42 -6.52 -28.02
N SER B 14 -13.43 -6.80 -28.83
CA SER B 14 -14.57 -7.60 -28.39
C SER B 14 -14.08 -8.95 -27.86
N GLY B 15 -14.61 -9.37 -26.72
CA GLY B 15 -14.23 -10.64 -26.15
C GLY B 15 -13.07 -10.63 -25.17
N SER B 16 -12.20 -9.62 -25.26
CA SER B 16 -11.06 -9.55 -24.36
C SER B 16 -11.28 -8.64 -23.13
N CYS B 17 -10.20 -8.41 -22.38
CA CYS B 17 -10.23 -7.58 -21.19
C CYS B 17 -9.76 -6.16 -21.50
N LEU B 18 -10.18 -5.21 -20.66
CA LEU B 18 -9.81 -3.82 -20.82
C LEU B 18 -9.61 -3.23 -19.43
N LEU B 19 -8.56 -2.44 -19.25
CA LEU B 19 -8.29 -1.83 -17.96
C LEU B 19 -8.25 -0.31 -18.11
N ILE B 20 -9.04 0.39 -17.31
CA ILE B 20 -9.06 1.85 -17.36
C ILE B 20 -8.26 2.32 -16.14
N PRO B 21 -7.03 2.83 -16.37
CA PRO B 21 -6.17 3.31 -15.28
C PRO B 21 -6.87 4.49 -14.63
N CYS B 22 -6.78 4.60 -13.32
CA CYS B 22 -7.46 5.69 -12.63
C CYS B 22 -6.85 5.96 -11.27
N ILE B 23 -6.70 7.25 -10.94
CA ILE B 23 -6.20 7.63 -9.64
C ILE B 23 -7.10 8.77 -9.18
N PHE B 24 -7.12 9.01 -7.88
CA PHE B 24 -7.93 10.09 -7.36
C PHE B 24 -7.22 10.68 -6.17
N SER B 25 -7.67 11.85 -5.74
CA SER B 25 -7.07 12.51 -4.61
C SER B 25 -8.08 13.39 -3.90
N TYR B 26 -7.77 13.73 -2.67
CA TYR B 26 -8.62 14.58 -1.85
C TYR B 26 -7.70 15.20 -0.79
N PRO B 27 -8.12 16.34 -0.20
CA PRO B 27 -7.33 17.02 0.83
C PRO B 27 -6.91 16.11 1.99
N ALA B 28 -5.69 16.29 2.47
CA ALA B 28 -5.18 15.49 3.58
C ALA B 28 -5.97 15.77 4.85
N ASP B 29 -6.59 16.94 4.90
CA ASP B 29 -7.39 17.35 6.06
C ASP B 29 -8.58 16.43 6.28
N VAL B 30 -9.34 16.21 5.20
CA VAL B 30 -10.54 15.38 5.24
C VAL B 30 -10.33 14.04 5.95
N PRO B 31 -11.13 13.77 6.98
CA PRO B 31 -11.07 12.54 7.77
C PRO B 31 -11.78 11.37 7.11
N VAL B 32 -11.09 10.24 7.02
CA VAL B 32 -11.64 9.04 6.41
C VAL B 32 -11.91 7.99 7.48
N SER B 33 -13.14 7.97 7.99
CA SER B 33 -13.53 7.00 9.01
C SER B 33 -14.58 6.03 8.49
N GLY B 35 -14.51 4.73 5.83
CA GLY B 35 -14.18 4.09 4.57
C GLY B 35 -14.62 4.89 3.37
N ILE B 36 -13.98 4.66 2.23
CA ILE B 36 -14.32 5.37 1.01
C ILE B 36 -15.17 4.51 0.09
N THR B 37 -16.27 5.05 -0.37
CA THR B 37 -17.16 4.32 -1.28
C THR B 37 -16.76 4.62 -2.72
N ALA B 38 -16.57 3.58 -3.52
CA ALA B 38 -16.17 3.73 -4.91
C ALA B 38 -17.29 3.34 -5.86
N ILE B 39 -17.56 4.19 -6.83
CA ILE B 39 -18.62 3.91 -7.80
C ILE B 39 -18.23 4.29 -9.22
N TRP B 40 -18.42 3.36 -10.14
CA TRP B 40 -18.16 3.63 -11.55
C TRP B 40 -19.52 3.60 -12.24
N TYR B 41 -19.81 4.63 -13.03
CA TYR B 41 -21.07 4.74 -13.76
C TYR B 41 -20.84 4.62 -15.26
N TYR B 42 -21.88 4.17 -15.95
CA TYR B 42 -21.87 4.07 -17.40
C TYR B 42 -22.99 4.99 -17.87
N ASP B 43 -22.70 5.89 -18.81
CA ASP B 43 -23.70 6.83 -19.33
C ASP B 43 -24.39 7.54 -18.15
N TYR B 44 -23.60 8.22 -17.34
CA TYR B 44 -24.09 8.91 -16.14
C TYR B 44 -25.27 9.86 -16.30
N SER B 45 -25.25 10.66 -17.35
CA SER B 45 -26.32 11.62 -17.58
C SER B 45 -27.55 10.96 -18.21
N GLY B 46 -27.37 9.76 -18.74
CA GLY B 46 -28.47 9.05 -19.37
C GLY B 46 -29.02 7.92 -18.53
N LYS B 47 -28.83 6.68 -18.99
CA LYS B 47 -29.32 5.51 -18.27
C LYS B 47 -28.68 5.34 -16.90
N ARG B 48 -27.49 5.91 -16.72
CA ARG B 48 -26.76 5.83 -15.46
C ARG B 48 -26.73 4.43 -14.85
N GLN B 49 -26.10 3.49 -15.55
CA GLN B 49 -26.00 2.12 -15.07
C GLN B 49 -24.76 1.97 -14.19
N VAL B 50 -24.93 1.29 -13.05
CA VAL B 50 -23.84 1.08 -12.12
C VAL B 50 -22.94 -0.08 -12.56
N VAL B 51 -21.66 0.22 -12.75
CA VAL B 51 -20.68 -0.77 -13.19
C VAL B 51 -20.03 -1.40 -11.98
N ILE B 52 -19.62 -0.53 -11.06
CA ILE B 52 -18.97 -0.94 -9.83
C ILE B 52 -19.57 -0.14 -8.69
N HIS B 53 -19.70 -0.78 -7.53
CA HIS B 53 -20.20 -0.11 -6.34
C HIS B 53 -19.66 -0.89 -5.15
N SER B 54 -18.61 -0.35 -4.54
CA SER B 54 -17.97 -1.00 -3.41
C SER B 54 -18.88 -1.02 -2.17
N GLY B 55 -19.76 -0.05 -2.08
CA GLY B 55 -20.66 0.01 -0.94
C GLY B 55 -21.72 -1.08 -0.95
N ASP B 56 -22.43 -1.19 -2.06
CA ASP B 56 -23.48 -2.20 -2.20
C ASP B 56 -23.40 -2.84 -3.57
N PRO B 57 -22.72 -3.99 -3.69
CA PRO B 57 -22.55 -4.72 -4.95
C PRO B 57 -23.86 -5.17 -5.62
N LYS B 58 -24.95 -5.11 -4.87
CA LYS B 58 -26.24 -5.50 -5.40
C LYS B 58 -26.76 -4.41 -6.34
N LEU B 59 -26.25 -3.20 -6.16
CA LEU B 59 -26.64 -2.05 -6.98
C LEU B 59 -26.09 -2.11 -8.40
N VAL B 60 -25.11 -2.99 -8.62
CA VAL B 60 -24.50 -3.12 -9.93
C VAL B 60 -25.51 -3.61 -10.97
N ASP B 61 -25.52 -2.96 -12.12
CA ASP B 61 -26.44 -3.32 -13.19
C ASP B 61 -26.16 -4.76 -13.65
N LYS B 62 -27.21 -5.45 -14.08
CA LYS B 62 -27.06 -6.83 -14.53
C LYS B 62 -26.11 -7.00 -15.71
N ARG B 63 -26.09 -6.04 -16.63
CA ARG B 63 -25.22 -6.14 -17.80
C ARG B 63 -23.72 -6.07 -17.45
N PHE B 64 -23.41 -5.60 -16.25
CA PHE B 64 -22.01 -5.50 -15.82
C PHE B 64 -21.64 -6.48 -14.71
N ARG B 65 -22.66 -7.05 -14.08
CA ARG B 65 -22.42 -8.00 -13.00
C ARG B 65 -21.52 -9.14 -13.45
N GLY B 66 -20.40 -9.32 -12.76
CA GLY B 66 -19.47 -10.38 -13.10
C GLY B 66 -18.49 -10.03 -14.20
N ARG B 67 -18.71 -8.92 -14.89
CA ARG B 67 -17.82 -8.51 -15.97
C ARG B 67 -16.96 -7.30 -15.60
N ALA B 68 -17.25 -6.69 -14.47
CA ALA B 68 -16.49 -5.52 -14.04
C ALA B 68 -15.90 -5.71 -12.66
N GLU B 69 -14.64 -5.32 -12.52
CA GLU B 69 -13.93 -5.45 -11.25
C GLU B 69 -13.16 -4.19 -10.94
N LEU B 70 -13.18 -3.79 -9.68
CA LEU B 70 -12.45 -2.61 -9.25
C LEU B 70 -11.08 -3.14 -8.85
N MET B 71 -10.10 -2.99 -9.75
CA MET B 71 -8.75 -3.48 -9.46
C MET B 71 -7.89 -2.34 -8.96
N GLY B 72 -8.49 -1.55 -8.08
CA GLY B 72 -7.79 -0.43 -7.49
C GLY B 72 -7.75 -0.70 -6.00
N ASN B 73 -7.36 0.31 -5.24
CA ASN B 73 -7.27 0.19 -3.79
C ASN B 73 -7.48 1.59 -3.26
N MET B 74 -8.55 1.77 -2.48
CA MET B 74 -8.88 3.07 -1.92
C MET B 74 -7.78 3.68 -1.04
N ASP B 75 -7.12 2.84 -0.26
CA ASP B 75 -6.04 3.31 0.62
C ASP B 75 -4.87 3.81 -0.21
N HIS B 76 -4.70 3.23 -1.39
CA HIS B 76 -3.60 3.61 -2.28
C HIS B 76 -4.03 4.65 -3.31
N LYS B 77 -5.31 5.06 -3.23
CA LYS B 77 -5.86 6.07 -4.12
C LYS B 77 -5.83 5.70 -5.59
N VAL B 78 -6.11 4.43 -5.88
CA VAL B 78 -6.15 3.93 -7.24
C VAL B 78 -7.58 3.48 -7.49
N CYS B 79 -8.14 3.84 -8.64
CA CYS B 79 -9.52 3.47 -8.97
C CYS B 79 -9.66 2.67 -10.26
N ASN B 80 -8.58 1.99 -10.65
CA ASN B 80 -8.54 1.18 -11.87
C ASN B 80 -9.80 0.32 -12.05
N LEU B 81 -10.34 0.35 -13.26
CA LEU B 81 -11.53 -0.41 -13.59
C LEU B 81 -11.19 -1.48 -14.62
N LEU B 82 -11.51 -2.73 -14.30
CA LEU B 82 -11.27 -3.83 -15.22
C LEU B 82 -12.60 -4.32 -15.79
N LEU B 83 -12.72 -4.26 -17.10
CA LEU B 83 -13.91 -4.71 -17.80
C LEU B 83 -13.53 -5.98 -18.56
N LYS B 84 -14.30 -7.06 -18.35
CA LYS B 84 -14.01 -8.33 -19.03
C LYS B 84 -15.11 -8.70 -20.01
N ASP B 85 -14.80 -9.63 -20.92
CA ASP B 85 -15.74 -10.08 -21.94
C ASP B 85 -16.37 -8.87 -22.62
N LEU B 86 -15.54 -8.03 -23.23
CA LEU B 86 -16.03 -6.82 -23.88
C LEU B 86 -17.01 -7.05 -25.03
N LYS B 87 -18.14 -6.35 -24.96
CA LYS B 87 -19.17 -6.42 -25.99
C LYS B 87 -19.21 -5.05 -26.66
N PRO B 88 -19.59 -5.00 -27.94
CA PRO B 88 -19.66 -3.72 -28.65
C PRO B 88 -20.57 -2.73 -27.92
N GLU B 89 -21.51 -3.25 -27.14
CA GLU B 89 -22.45 -2.41 -26.40
C GLU B 89 -21.80 -1.75 -25.19
N ASP B 90 -20.58 -2.15 -24.86
CA ASP B 90 -19.88 -1.58 -23.71
C ASP B 90 -19.28 -0.22 -24.06
N SER B 91 -19.28 0.11 -25.35
CA SER B 91 -18.75 1.39 -25.80
C SER B 91 -19.58 2.50 -25.18
N GLY B 92 -18.89 3.55 -24.72
CA GLY B 92 -19.58 4.67 -24.10
C GLY B 92 -18.65 5.37 -23.14
N THR B 93 -19.23 6.19 -22.26
CA THR B 93 -18.44 6.93 -21.29
C THR B 93 -18.63 6.38 -19.89
N TYR B 94 -17.52 6.17 -19.20
CA TYR B 94 -17.52 5.66 -17.84
C TYR B 94 -16.98 6.77 -16.94
N ASN B 95 -17.67 7.03 -15.83
CA ASN B 95 -17.27 8.08 -14.89
C ASN B 95 -17.12 7.51 -13.49
N PHE B 96 -16.07 7.94 -12.79
CA PHE B 96 -15.83 7.47 -11.43
C PHE B 96 -16.30 8.49 -10.42
N ARG B 97 -16.79 7.99 -9.29
CA ARG B 97 -17.25 8.84 -8.21
C ARG B 97 -16.82 8.18 -6.92
N PHE B 98 -16.34 8.97 -5.97
CA PHE B 98 -15.96 8.40 -4.69
C PHE B 98 -16.55 9.26 -3.58
N GLU B 99 -17.00 8.61 -2.52
CA GLU B 99 -17.62 9.31 -1.40
C GLU B 99 -16.95 8.94 -0.08
N ILE B 100 -16.62 9.97 0.70
CA ILE B 100 -15.99 9.76 2.00
C ILE B 100 -16.98 10.03 3.12
N SER B 101 -17.70 11.15 3.01
CA SER B 101 -18.70 11.53 4.01
C SER B 101 -19.29 12.90 3.68
N SER B 103 -20.70 15.60 2.27
CA SER B 103 -20.12 16.80 1.70
C SER B 103 -18.78 16.52 1.02
N ASN B 104 -18.03 15.57 1.57
CA ASN B 104 -16.74 15.21 0.99
C ASN B 104 -16.93 14.04 0.05
N ARG B 105 -17.30 14.36 -1.19
CA ARG B 105 -17.51 13.38 -2.22
C ARG B 105 -17.16 14.06 -3.54
N TRP B 106 -16.90 13.28 -4.56
CA TRP B 106 -16.50 13.87 -5.83
C TRP B 106 -16.89 13.02 -7.01
N LEU B 107 -17.29 13.70 -8.07
CA LEU B 107 -17.70 13.04 -9.30
C LEU B 107 -16.85 13.55 -10.45
N ASP B 108 -16.25 12.63 -11.21
CA ASP B 108 -15.46 13.04 -12.36
C ASP B 108 -16.48 13.23 -13.48
N VAL B 109 -16.69 14.47 -13.89
CA VAL B 109 -17.67 14.75 -14.95
C VAL B 109 -17.16 14.45 -16.36
N LYS B 110 -15.84 14.33 -16.53
CA LYS B 110 -15.25 14.04 -17.83
C LYS B 110 -15.28 12.55 -18.13
N GLY B 111 -14.72 11.76 -17.22
CA GLY B 111 -14.71 10.31 -17.40
C GLY B 111 -13.87 9.84 -18.57
N THR B 112 -13.98 8.55 -18.84
CA THR B 112 -13.24 7.90 -19.92
C THR B 112 -14.16 7.32 -20.98
N THR B 113 -13.86 7.61 -22.24
CA THR B 113 -14.66 7.10 -23.35
C THR B 113 -14.04 5.80 -23.83
N VAL B 114 -14.84 4.74 -23.81
CA VAL B 114 -14.41 3.43 -24.23
C VAL B 114 -14.92 3.09 -25.62
N THR B 115 -14.02 2.67 -26.49
CA THR B 115 -14.38 2.27 -27.84
C THR B 115 -14.01 0.80 -27.98
N VAL B 116 -15.00 -0.02 -28.31
CA VAL B 116 -14.79 -1.45 -28.48
C VAL B 116 -14.85 -1.77 -29.96
N THR B 117 -13.74 -2.21 -30.51
CA THR B 117 -13.66 -2.54 -31.93
C THR B 117 -13.84 -4.04 -32.15
N THR B 118 -14.22 -4.41 -33.37
CA THR B 118 -14.43 -5.80 -33.72
C THR B 118 -13.91 -6.09 -35.13
N THR C 1 7.60 -8.05 16.77
CA THR C 1 8.09 -7.16 15.68
C THR C 1 7.86 -7.76 14.29
N TRP C 2 6.61 -8.09 13.98
CA TRP C 2 6.28 -8.67 12.68
C TRP C 2 5.92 -7.56 11.70
N GLY C 3 6.30 -7.72 10.44
CA GLY C 3 5.97 -6.69 9.47
C GLY C 3 6.48 -6.95 8.08
N VAL C 4 5.88 -6.26 7.11
CA VAL C 4 6.24 -6.36 5.71
C VAL C 4 6.21 -4.94 5.14
N SER C 5 7.17 -4.63 4.27
CA SER C 5 7.20 -3.32 3.67
C SER C 5 7.43 -3.38 2.16
N SER C 6 6.42 -2.95 1.42
CA SER C 6 6.44 -2.90 -0.03
C SER C 6 5.82 -1.56 -0.40
N PRO C 7 6.11 -1.04 -1.61
CA PRO C 7 5.57 0.24 -2.05
C PRO C 7 4.03 0.21 -2.12
N LYS C 8 3.39 1.36 -1.96
CA LYS C 8 1.94 1.42 -2.00
C LYS C 8 1.49 1.24 -3.45
N ASN C 9 2.23 1.88 -4.36
CA ASN C 9 1.90 1.82 -5.78
C ASN C 9 3.14 1.67 -6.65
N VAL C 10 3.00 0.90 -7.72
CA VAL C 10 4.05 0.74 -8.69
C VAL C 10 3.33 0.76 -10.04
N GLN C 11 4.00 1.27 -11.06
CA GLN C 11 3.41 1.33 -12.38
C GLN C 11 4.37 0.68 -13.36
N GLY C 12 3.81 0.01 -14.36
CA GLY C 12 4.65 -0.64 -15.35
C GLY C 12 4.04 -0.57 -16.72
N LEU C 13 4.82 -0.89 -17.74
CA LEU C 13 4.34 -0.87 -19.12
C LEU C 13 3.95 -2.27 -19.55
N SER C 14 2.86 -2.38 -20.30
CA SER C 14 2.40 -3.66 -20.80
C SER C 14 3.53 -4.29 -21.62
N GLY C 15 3.74 -5.60 -21.43
CA GLY C 15 4.79 -6.27 -22.16
C GLY C 15 6.18 -6.22 -21.54
N SER C 16 6.33 -5.44 -20.47
CA SER C 16 7.64 -5.33 -19.81
C SER C 16 7.63 -6.12 -18.51
N CYS C 17 8.63 -5.87 -17.68
CA CYS C 17 8.69 -6.58 -16.40
C CYS C 17 8.74 -5.54 -15.31
N LEU C 18 8.42 -5.97 -14.09
CA LEU C 18 8.38 -5.06 -12.97
C LEU C 18 8.87 -5.79 -11.72
N LEU C 19 9.71 -5.12 -10.94
CA LEU C 19 10.17 -5.72 -9.70
C LEU C 19 9.50 -4.96 -8.56
N ILE C 20 8.83 -5.68 -7.67
CA ILE C 20 8.20 -5.04 -6.52
C ILE C 20 9.14 -5.27 -5.35
N PRO C 21 9.83 -4.20 -4.90
CA PRO C 21 10.76 -4.37 -3.76
C PRO C 21 9.96 -4.75 -2.52
N CYS C 22 10.54 -5.59 -1.68
CA CYS C 22 9.85 -6.05 -0.49
C CYS C 22 10.83 -6.51 0.57
N ILE C 23 10.54 -6.16 1.82
CA ILE C 23 11.35 -6.58 2.95
C ILE C 23 10.37 -6.97 4.05
N PHE C 24 10.79 -7.82 4.97
CA PHE C 24 9.92 -8.23 6.06
C PHE C 24 10.74 -8.49 7.31
N SER C 25 10.06 -8.58 8.44
CA SER C 25 10.76 -8.84 9.69
C SER C 25 9.85 -9.59 10.64
N TYR C 26 10.48 -10.26 11.60
CA TYR C 26 9.77 -11.01 12.61
C TYR C 26 10.71 -11.10 13.81
N PRO C 27 10.17 -11.42 14.99
CA PRO C 27 10.98 -11.53 16.21
C PRO C 27 12.15 -12.50 16.04
N ALA C 28 13.33 -12.06 16.49
CA ALA C 28 14.53 -12.87 16.39
C ALA C 28 14.47 -14.12 17.26
N ASP C 29 13.62 -14.09 18.29
CA ASP C 29 13.48 -15.23 19.19
C ASP C 29 12.63 -16.35 18.59
N VAL C 30 12.25 -16.18 17.33
CA VAL C 30 11.44 -17.19 16.65
C VAL C 30 12.34 -18.10 15.81
N PRO C 31 12.13 -19.43 15.90
CA PRO C 31 12.93 -20.40 15.16
C PRO C 31 12.63 -20.43 13.67
N GLY C 35 12.56 -23.79 7.90
CA GLY C 35 12.47 -23.04 6.67
C GLY C 35 11.29 -22.08 6.66
N ILE C 36 11.37 -21.06 5.81
CA ILE C 36 10.31 -20.07 5.70
C ILE C 36 9.62 -20.17 4.34
N THR C 37 8.30 -20.30 4.35
CA THR C 37 7.52 -20.40 3.13
C THR C 37 7.09 -19.00 2.69
N ALA C 38 7.38 -18.67 1.44
CA ALA C 38 7.03 -17.36 0.89
C ALA C 38 5.85 -17.50 -0.08
N ILE C 39 4.86 -16.63 0.07
CA ILE C 39 3.68 -16.67 -0.78
C ILE C 39 3.25 -15.26 -1.17
N TRP C 40 3.01 -15.05 -2.46
CA TRP C 40 2.53 -13.76 -2.96
C TRP C 40 1.13 -14.01 -3.51
N TYR C 41 0.18 -13.18 -3.10
CA TYR C 41 -1.20 -13.30 -3.56
C TYR C 41 -1.56 -12.15 -4.46
N TYR C 42 -2.57 -12.37 -5.30
CA TYR C 42 -3.09 -11.35 -6.19
C TYR C 42 -4.58 -11.22 -5.83
N ASP C 43 -5.05 -10.00 -5.61
CA ASP C 43 -6.47 -9.77 -5.29
C ASP C 43 -6.89 -10.66 -4.12
N TYR C 44 -6.17 -10.55 -3.00
CA TYR C 44 -6.45 -11.35 -1.82
C TYR C 44 -7.88 -11.21 -1.34
N SER C 45 -8.41 -9.99 -1.41
CA SER C 45 -9.78 -9.71 -0.99
C SER C 45 -10.81 -10.24 -1.98
N GLY C 46 -10.37 -10.48 -3.22
CA GLY C 46 -11.27 -10.98 -4.25
C GLY C 46 -11.03 -12.42 -4.66
N LYS C 47 -10.39 -12.60 -5.82
CA LYS C 47 -10.09 -13.93 -6.35
C LYS C 47 -9.01 -14.68 -5.58
N ARG C 48 -8.16 -13.94 -4.87
CA ARG C 48 -7.08 -14.53 -4.09
C ARG C 48 -6.31 -15.60 -4.86
N GLN C 49 -5.64 -15.18 -5.93
CA GLN C 49 -4.88 -16.11 -6.74
C GLN C 49 -3.43 -16.15 -6.26
N VAL C 50 -2.81 -17.31 -6.35
CA VAL C 50 -1.43 -17.49 -5.94
C VAL C 50 -0.50 -17.11 -7.07
N VAL C 51 0.40 -16.17 -6.79
CA VAL C 51 1.36 -15.68 -7.77
C VAL C 51 2.66 -16.46 -7.65
N ILE C 52 3.11 -16.59 -6.40
CA ILE C 52 4.33 -17.31 -6.07
C ILE C 52 4.05 -18.16 -4.83
N HIS C 53 4.64 -19.34 -4.76
CA HIS C 53 4.51 -20.20 -3.59
C HIS C 53 5.77 -21.03 -3.52
N SER C 54 6.68 -20.63 -2.61
CA SER C 54 7.96 -21.29 -2.41
C SER C 54 7.90 -22.75 -1.99
N GLY C 55 6.82 -23.11 -1.29
CA GLY C 55 6.67 -24.48 -0.83
C GLY C 55 6.25 -25.45 -1.90
N ASP C 56 5.28 -25.06 -2.72
CA ASP C 56 4.78 -25.93 -3.77
C ASP C 56 4.29 -25.13 -4.97
N PRO C 57 5.08 -25.10 -6.05
CA PRO C 57 4.80 -24.38 -7.31
C PRO C 57 3.50 -24.81 -7.99
N LYS C 58 3.00 -26.00 -7.65
CA LYS C 58 1.76 -26.48 -8.24
C LYS C 58 0.59 -25.61 -7.79
N LEU C 59 0.78 -24.90 -6.69
CA LEU C 59 -0.27 -24.03 -6.15
C LEU C 59 -0.43 -22.71 -6.90
N VAL C 60 0.58 -22.35 -7.69
CA VAL C 60 0.52 -21.11 -8.45
C VAL C 60 -0.61 -21.12 -9.47
N ASP C 61 -1.32 -20.01 -9.57
CA ASP C 61 -2.44 -19.89 -10.52
C ASP C 61 -1.91 -19.97 -11.95
N LYS C 62 -2.70 -20.58 -12.83
CA LYS C 62 -2.32 -20.72 -14.24
C LYS C 62 -1.94 -19.41 -14.91
N ARG C 63 -2.64 -18.33 -14.59
CA ARG C 63 -2.35 -17.05 -15.22
C ARG C 63 -0.97 -16.48 -14.87
N PHE C 64 -0.39 -16.93 -13.76
CA PHE C 64 0.93 -16.44 -13.36
C PHE C 64 2.03 -17.47 -13.61
N ARG C 65 1.61 -18.67 -14.01
CA ARG C 65 2.53 -19.77 -14.31
C ARG C 65 3.68 -19.31 -15.20
N GLY C 66 4.90 -19.34 -14.68
CA GLY C 66 6.07 -18.95 -15.45
C GLY C 66 6.24 -17.48 -15.77
N ARG C 67 5.47 -16.60 -15.12
CA ARG C 67 5.59 -15.17 -15.36
C ARG C 67 5.92 -14.40 -14.09
N ALA C 68 6.16 -15.12 -13.01
CA ALA C 68 6.49 -14.47 -11.76
C ALA C 68 7.55 -15.26 -11.03
N GLU C 69 8.44 -14.54 -10.37
CA GLU C 69 9.50 -15.19 -9.63
C GLU C 69 9.85 -14.44 -8.37
N LEU C 70 10.22 -15.18 -7.34
CA LEU C 70 10.62 -14.56 -6.09
C LEU C 70 12.10 -14.24 -6.31
N MET C 71 12.47 -12.97 -6.20
CA MET C 71 13.85 -12.56 -6.41
C MET C 71 14.43 -12.06 -5.12
N GLY C 72 14.08 -12.71 -4.04
CA GLY C 72 14.58 -12.28 -2.75
C GLY C 72 15.35 -13.39 -2.07
N ASN C 73 15.42 -13.32 -0.75
CA ASN C 73 16.12 -14.31 0.02
C ASN C 73 15.52 -14.29 1.42
N MET C 74 14.83 -15.36 1.79
CA MET C 74 14.18 -15.43 3.09
C MET C 74 15.14 -15.20 4.25
N ASP C 75 16.35 -15.74 4.13
CA ASP C 75 17.34 -15.56 5.19
C ASP C 75 17.76 -14.11 5.32
N HIS C 76 17.65 -13.35 4.24
CA HIS C 76 18.03 -11.94 4.26
C HIS C 76 16.82 -11.03 4.49
N LYS C 77 15.65 -11.64 4.68
CA LYS C 77 14.42 -10.88 4.92
C LYS C 77 14.02 -10.06 3.69
N VAL C 78 14.34 -10.56 2.50
CA VAL C 78 13.98 -9.85 1.25
C VAL C 78 12.92 -10.67 0.52
N CYS C 79 11.79 -10.03 0.20
CA CYS C 79 10.70 -10.74 -0.46
C CYS C 79 10.34 -10.23 -1.86
N ASN C 80 11.30 -9.61 -2.55
CA ASN C 80 11.07 -9.06 -3.89
C ASN C 80 10.33 -9.99 -4.84
N LEU C 81 9.37 -9.42 -5.55
CA LEU C 81 8.60 -10.15 -6.54
C LEU C 81 8.90 -9.56 -7.92
N LEU C 82 9.21 -10.43 -8.88
CA LEU C 82 9.44 -9.98 -10.26
C LEU C 82 8.28 -10.50 -11.08
N LEU C 83 7.61 -9.59 -11.79
CA LEU C 83 6.48 -9.96 -12.64
C LEU C 83 6.96 -9.71 -14.05
N LYS C 84 6.82 -10.70 -14.92
CA LYS C 84 7.28 -10.58 -16.31
C LYS C 84 6.13 -10.57 -17.30
N ASP C 85 6.38 -10.02 -18.48
CA ASP C 85 5.39 -9.95 -19.55
C ASP C 85 4.06 -9.42 -19.05
N LEU C 86 4.11 -8.26 -18.42
CA LEU C 86 2.94 -7.61 -17.86
C LEU C 86 1.80 -7.43 -18.85
N LYS C 87 0.59 -7.63 -18.35
CA LYS C 87 -0.63 -7.48 -19.13
C LYS C 87 -1.47 -6.50 -18.33
N PRO C 88 -2.33 -5.70 -18.99
CA PRO C 88 -3.15 -4.76 -18.24
C PRO C 88 -3.97 -5.42 -17.13
N GLU C 89 -4.42 -6.65 -17.37
CA GLU C 89 -5.21 -7.36 -16.38
C GLU C 89 -4.39 -7.84 -15.19
N ASP C 90 -3.09 -7.55 -15.18
CA ASP C 90 -2.25 -7.91 -14.05
C ASP C 90 -2.39 -6.81 -13.00
N SER C 91 -3.03 -5.72 -13.38
CA SER C 91 -3.25 -4.60 -12.47
C SER C 91 -4.08 -5.08 -11.29
N GLY C 92 -3.75 -4.59 -10.10
CA GLY C 92 -4.48 -4.99 -8.91
C GLY C 92 -3.53 -4.93 -7.72
N THR C 93 -3.96 -5.47 -6.59
CA THR C 93 -3.11 -5.44 -5.42
C THR C 93 -2.48 -6.81 -5.13
N TYR C 94 -1.18 -6.78 -4.82
CA TYR C 94 -0.43 -7.99 -4.52
C TYR C 94 -0.04 -7.91 -3.04
N ASN C 95 -0.23 -9.00 -2.33
CA ASN C 95 0.09 -9.05 -0.90
C ASN C 95 1.03 -10.22 -0.61
N PHE C 96 2.02 -9.97 0.24
CA PHE C 96 3.00 -10.98 0.63
C PHE C 96 2.61 -11.62 1.96
N ARG C 97 2.87 -12.91 2.06
CA ARG C 97 2.60 -13.67 3.27
C ARG C 97 3.76 -14.62 3.45
N PHE C 98 4.24 -14.76 4.69
CA PHE C 98 5.33 -15.70 4.94
C PHE C 98 4.95 -16.56 6.13
N GLU C 99 5.44 -17.79 6.13
CA GLU C 99 5.14 -18.74 7.19
C GLU C 99 6.40 -19.36 7.74
N ILE C 100 6.61 -19.23 9.05
CA ILE C 100 7.78 -19.79 9.70
C ILE C 100 7.44 -21.10 10.40
N SER C 103 2.16 -22.00 13.43
CA SER C 103 1.41 -20.91 14.04
C SER C 103 2.04 -19.55 13.72
N ASN C 104 3.37 -19.55 13.57
CA ASN C 104 4.07 -18.31 13.26
C ASN C 104 3.93 -17.98 11.77
N ARG C 105 2.88 -17.23 11.45
CA ARG C 105 2.62 -16.85 10.06
C ARG C 105 2.28 -15.36 10.01
N TRP C 106 2.39 -14.76 8.83
CA TRP C 106 2.07 -13.34 8.70
C TRP C 106 1.65 -12.95 7.30
N LEU C 107 0.57 -12.20 7.22
CA LEU C 107 0.05 -11.72 5.95
C LEU C 107 0.07 -10.21 5.94
N ASP C 108 0.62 -9.61 4.89
CA ASP C 108 0.63 -8.16 4.82
C ASP C 108 -0.71 -7.72 4.27
N VAL C 109 -1.46 -6.96 5.06
CA VAL C 109 -2.78 -6.50 4.64
C VAL C 109 -2.71 -5.23 3.78
N LYS C 110 -1.56 -4.56 3.77
CA LYS C 110 -1.41 -3.34 2.98
C LYS C 110 -1.25 -3.69 1.51
N GLY C 111 -0.17 -4.40 1.20
CA GLY C 111 0.07 -4.81 -0.18
C GLY C 111 0.56 -3.70 -1.07
N THR C 112 0.80 -4.06 -2.32
CA THR C 112 1.27 -3.13 -3.33
C THR C 112 0.30 -3.16 -4.49
N THR C 113 -0.19 -1.99 -4.89
CA THR C 113 -1.12 -1.92 -6.01
C THR C 113 -0.31 -1.63 -7.27
N VAL C 114 -0.52 -2.47 -8.28
CA VAL C 114 0.15 -2.36 -9.55
C VAL C 114 -0.83 -1.87 -10.61
N THR C 115 -0.38 -0.92 -11.43
CA THR C 115 -1.19 -0.41 -12.52
C THR C 115 -0.34 -0.59 -13.77
N VAL C 116 -0.86 -1.36 -14.72
CA VAL C 116 -0.15 -1.60 -15.97
C VAL C 116 -0.83 -0.75 -17.03
N THR C 117 -0.06 0.11 -17.68
CA THR C 117 -0.60 0.97 -18.70
C THR C 117 -0.15 0.50 -20.08
N THR C 118 -0.80 1.03 -21.11
CA THR C 118 -0.46 0.64 -22.47
C THR C 118 -0.76 1.80 -23.40
N ASP C 119 -0.35 1.67 -24.65
CA ASP C 119 -0.58 2.70 -25.65
C ASP C 119 -2.06 2.74 -26.03
C1 GLC D . 17.38 21.36 30.82
C2 GLC D . 17.35 21.35 29.29
C3 GLC D . 15.98 21.81 28.78
C4 GLC D . 14.86 20.99 29.43
C5 GLC D . 15.02 21.00 30.96
C6 GLC D . 14.00 20.12 31.65
O1 GLC D . 18.59 20.84 31.27
O2 GLC D . 18.36 22.22 28.79
O3 GLC D . 15.92 21.68 27.37
O4 GLC D . 13.58 21.54 29.06
O5 GLC D . 16.32 20.52 31.33
O6 GLC D . 14.07 20.27 33.06
C1 GAL D . 12.82 20.80 28.18
C2 GAL D . 11.36 21.25 28.29
C3 GAL D . 10.51 20.55 27.23
C4 GAL D . 11.11 20.76 25.84
C5 GAL D . 12.56 20.31 25.84
C6 GAL D . 13.26 20.54 24.51
O2 GAL D . 10.85 20.94 29.58
O3 GAL D . 9.17 21.07 27.28
O4 GAL D . 11.03 22.14 25.51
O5 GAL D . 13.31 21.03 26.85
O6 GAL D . 14.51 19.87 24.48
C1 SIA D . 8.08 19.57 25.78
C2 SIA D . 8.13 20.15 27.19
C3 SIA D . 6.80 20.84 27.52
C4 SIA D . 5.66 19.84 27.70
C5 SIA D . 6.05 18.70 28.64
C6 SIA D . 7.37 18.08 28.12
C7 SIA D . 7.85 16.87 28.93
C8 SIA D . 9.16 16.35 28.33
C9 SIA D . 9.57 15.05 29.01
C10 SIA D . 4.40 17.43 29.84
C11 SIA D . 3.28 16.38 29.81
N5 SIA D . 4.99 17.72 28.68
O1A SIA D . 7.46 20.19 24.89
O1B SIA D . 8.67 18.49 25.56
O4 SIA D . 4.52 20.51 28.23
O6 SIA D . 8.41 19.08 28.10
O7 SIA D . 8.08 17.27 30.28
O8 SIA D . 9.00 16.14 26.93
O9 SIA D . 10.79 14.58 28.44
O10 SIA D . 4.71 17.94 30.91
C1 GLC E . -25.60 21.96 -12.97
C2 GLC E . -26.03 20.48 -12.91
C3 GLC E . -25.94 19.98 -11.46
C4 GLC E . -24.53 20.23 -10.90
C5 GLC E . -24.15 21.72 -11.07
C6 GLC E . -22.74 22.02 -10.63
O1 GLC E . -25.60 22.39 -14.28
O2 GLC E . -27.36 20.35 -13.38
O3 GLC E . -26.22 18.60 -11.42
O4 GLC E . -24.52 19.90 -9.51
O5 GLC E . -24.27 22.10 -12.46
O6 GLC E . -22.51 23.42 -10.56
C1 GAL E . -23.71 18.84 -9.12
C2 GAL E . -23.34 19.04 -7.65
C3 GAL E . -22.61 17.83 -7.11
C4 GAL E . -23.38 16.54 -7.40
C5 GAL E . -23.73 16.45 -8.88
C6 GAL E . -24.57 15.24 -9.23
O2 GAL E . -22.51 20.18 -7.53
O3 GAL E . -22.45 17.99 -5.69
O4 GAL E . -24.57 16.50 -6.62
O5 GAL E . -24.46 17.63 -9.29
O6 GAL E . -24.49 14.96 -10.62
C1 SIA E . -21.15 16.07 -5.22
C2 SIA E . -21.25 17.59 -5.16
C3 SIA E . -21.14 18.07 -3.70
C4 SIA E . -19.73 17.92 -3.13
C5 SIA E . -18.67 18.51 -4.09
C6 SIA E . -18.87 17.87 -5.47
C7 SIA E . -17.85 18.33 -6.51
C8 SIA E . -18.18 17.65 -7.85
C9 SIA E . -17.09 17.92 -8.89
C10 SIA E . -16.56 19.16 -3.10
C11 SIA E . -15.20 18.74 -2.58
N5 SIA E . -17.35 18.20 -3.57
O1A SIA E . -21.76 15.38 -4.37
O1B SIA E . -20.49 15.53 -6.15
O4 SIA E . -19.65 18.61 -1.88
O6 SIA E . -20.19 18.15 -5.95
O7 SIA E . -17.92 19.74 -6.67
O8 SIA E . -18.33 16.25 -7.65
O9 SIA E . -17.49 17.37 -10.15
O10 SIA E . -16.89 20.35 -3.08
C1 SIA F . -2.06 -15.70 10.07
C2 SIA F . -2.88 -15.33 11.30
C3 SIA F . -2.35 -16.09 12.53
C4 SIA F . -0.93 -15.63 12.88
C5 SIA F . -0.87 -14.11 13.01
C6 SIA F . -1.41 -13.48 11.72
C7 SIA F . -1.35 -11.96 11.76
C8 SIA F . -1.83 -11.38 10.44
C9 SIA F . -1.49 -9.89 10.34
C10 SIA F . 0.82 -12.93 14.29
C11 SIA F . 2.28 -12.56 14.44
N5 SIA F . 0.51 -13.69 13.24
O1A SIA F . -1.71 -16.90 9.92
O1B SIA F . -1.78 -14.81 9.24
O2 SIA F . -4.22 -15.64 11.09
O4 SIA F . -0.52 -16.24 14.09
O6 SIA F . -2.77 -13.91 11.50
O7 SIA F . -2.16 -11.48 12.82
O8 SIA F . -1.23 -12.08 9.35
O9 SIA F . -1.87 -9.40 9.07
O10 SIA F . -0.01 -12.53 15.11
#